data_6R0Q
#
_entry.id   6R0Q
#
_cell.length_a   61.728
_cell.length_b   59.163
_cell.length_c   61.751
_cell.angle_alpha   90.00
_cell.angle_beta   105.59
_cell.angle_gamma   90.00
#
_symmetry.space_group_name_H-M   'P 1 21 1'
#
loop_
_entity.id
_entity.type
_entity.pdbx_description
1 polymer 'Cereblon isoform 4'
2 polymer ALA-ALA-ALA
3 polymer ALA-ALA-ALA-ALA
4 non-polymer 'ZINC ION'
5 non-polymer '2-[[(3~{S})-2,6-bis(oxidanylidene)piperidin-3-yl]carbamoyl]benzoic acid'
6 water water
#
loop_
_entity_poly.entity_id
_entity_poly.type
_entity_poly.pdbx_seq_one_letter_code
_entity_poly.pdbx_strand_id
1 'polypeptide(L)'
;MPLDAGGQNSTQMVLAPGASIFRCRQCGQTISRRDWLLPMGGDHEHVVFNPHGYIHRVWCFSLAQGLNLIGRPSGEFSWF
KGYDWTVAQCGQCGSHLGWHYEGGSQPQTFFGLIKDRLAEGPAD
;
A,B,C,D
2 'polypeptide(L)' (UNK)(UNK)(UNK) F,E,G
3 'polypeptide(L)' (UNK)(UNK)(UNK)(UNK) H
#
loop_
_chem_comp.id
_chem_comp.type
_chem_comp.name
_chem_comp.formula
JNW non-polymer '2-[[(3~{S})-2,6-bis(oxidanylidene)piperidin-3-yl]carbamoyl]benzoic acid' 'C13 H12 N2 O5'
ZN non-polymer 'ZINC ION' 'Zn 2'
#
# COMPACT_ATOMS: atom_id res chain seq x y z
N GLY A 18 -3.25 14.19 0.61
CA GLY A 18 -4.19 13.53 -0.35
C GLY A 18 -3.23 12.91 -1.32
N ALA A 19 -2.74 11.70 -1.01
CA ALA A 19 -2.22 10.89 -2.10
C ALA A 19 -3.34 11.18 -3.20
N SER A 20 -2.80 11.32 -4.37
CA SER A 20 -3.68 11.34 -5.49
C SER A 20 -4.29 9.90 -5.78
N ILE A 21 -5.39 9.89 -6.52
CA ILE A 21 -6.12 8.67 -6.84
C ILE A 21 -5.85 8.47 -8.37
N PHE A 22 -5.70 7.25 -8.82
CA PHE A 22 -5.66 6.87 -10.16
C PHE A 22 -6.97 6.25 -10.58
N ARG A 23 -7.66 6.86 -11.52
CA ARG A 23 -8.93 6.34 -12.02
C ARG A 23 -8.75 5.82 -13.41
N CYS A 24 -9.63 4.91 -13.79
CA CYS A 24 -9.68 4.60 -15.23
C CYS A 24 -9.97 5.81 -16.13
N ARG A 25 -9.20 6.05 -17.14
CA ARG A 25 -9.41 7.24 -17.92
C ARG A 25 -10.70 7.14 -18.66
N GLN A 26 -11.07 5.93 -19.12
CA GLN A 26 -12.32 5.75 -19.91
C GLN A 26 -13.57 5.93 -19.06
N CYS A 27 -13.63 5.48 -17.83
CA CYS A 27 -14.88 5.58 -17.09
C CYS A 27 -14.86 6.27 -15.78
N GLY A 28 -13.70 6.48 -15.19
CA GLY A 28 -13.64 7.11 -13.92
C GLY A 28 -13.60 6.21 -12.71
N GLN A 29 -13.66 4.92 -12.90
CA GLN A 29 -13.58 4.00 -11.77
C GLN A 29 -12.23 4.16 -11.00
N THR A 30 -12.29 4.17 -9.69
CA THR A 30 -11.11 4.26 -8.87
C THR A 30 -10.34 2.93 -8.99
N ILE A 31 -9.05 3.04 -9.29
CA ILE A 31 -8.20 1.89 -9.47
C ILE A 31 -7.10 1.79 -8.46
N SER A 32 -6.36 2.86 -8.26
CA SER A 32 -5.23 2.77 -7.26
C SER A 32 -4.94 4.17 -6.78
N ARG A 33 -3.83 4.31 -6.00
CA ARG A 33 -3.53 5.53 -5.30
C ARG A 33 -2.00 5.69 -5.33
N ARG A 34 -1.62 6.96 -5.28
CA ARG A 34 -0.16 7.30 -5.33
C ARG A 34 0.57 6.64 -4.25
N ASP A 35 -0.05 6.51 -3.08
CA ASP A 35 0.73 5.87 -2.04
CA ASP A 35 0.63 5.81 -2.01
C ASP A 35 0.87 4.39 -2.19
N TRP A 36 0.31 3.78 -3.26
CA TRP A 36 0.52 2.41 -3.55
C TRP A 36 1.47 2.22 -4.72
N LEU A 37 2.18 3.24 -5.20
CA LEU A 37 3.21 3.12 -6.19
C LEU A 37 4.38 2.30 -5.60
N LEU A 38 4.91 1.39 -6.37
CA LEU A 38 5.91 0.42 -5.98
C LEU A 38 7.12 0.49 -6.90
N PRO A 39 8.25 0.84 -6.40
CA PRO A 39 9.47 0.76 -7.26
C PRO A 39 9.84 -0.71 -7.47
N MET A 40 9.98 -1.09 -8.71
CA MET A 40 10.46 -2.38 -9.20
C MET A 40 11.72 -2.03 -9.90
N GLY A 41 12.82 -2.62 -9.46
CA GLY A 41 14.07 -2.21 -10.15
C GLY A 41 14.54 -0.83 -9.92
N GLY A 42 14.17 -0.24 -8.75
CA GLY A 42 14.50 1.10 -8.42
C GLY A 42 13.66 2.20 -9.00
N ASP A 43 12.57 1.85 -9.71
CA ASP A 43 11.72 2.89 -10.23
C ASP A 43 10.28 2.36 -10.32
N HIS A 44 9.28 3.20 -10.01
CA HIS A 44 7.93 2.69 -10.23
C HIS A 44 7.51 2.89 -11.67
N GLU A 45 8.21 3.64 -12.49
CA GLU A 45 7.89 3.84 -13.89
C GLU A 45 8.86 3.15 -14.73
N HIS A 46 8.31 2.39 -15.71
CA HIS A 46 9.10 1.55 -16.65
C HIS A 46 8.58 1.93 -18.05
N VAL A 47 9.42 2.26 -19.00
CA VAL A 47 9.08 2.48 -20.32
C VAL A 47 9.46 1.24 -21.07
N VAL A 48 8.50 0.46 -21.49
CA VAL A 48 8.68 -0.87 -21.98
C VAL A 48 8.00 -0.97 -23.34
N PHE A 49 8.04 -2.06 -23.99
CA PHE A 49 7.34 -2.30 -25.25
C PHE A 49 6.96 -3.71 -25.37
N ASN A 50 5.85 -4.00 -26.09
CA ASN A 50 5.42 -5.32 -26.27
C ASN A 50 6.24 -5.98 -27.38
N PRO A 51 5.98 -7.25 -27.67
CA PRO A 51 6.85 -7.93 -28.70
C PRO A 51 6.54 -7.53 -30.07
N HIS A 52 5.63 -6.60 -30.29
CA HIS A 52 5.40 -5.95 -31.59
C HIS A 52 5.98 -4.62 -31.69
N GLY A 53 6.74 -4.18 -30.69
CA GLY A 53 7.33 -2.90 -30.69
C GLY A 53 6.52 -1.71 -30.41
N TYR A 54 5.38 -1.90 -29.73
CA TYR A 54 4.57 -0.81 -29.27
C TYR A 54 4.99 -0.41 -27.84
N ILE A 55 5.30 0.86 -27.64
CA ILE A 55 5.75 1.34 -26.33
C ILE A 55 4.60 1.50 -25.38
N HIS A 56 4.75 1.10 -24.13
CA HIS A 56 3.87 1.44 -23.06
C HIS A 56 4.71 2.04 -21.91
N ARG A 57 4.20 3.09 -21.32
CA ARG A 57 4.78 3.63 -20.07
C ARG A 57 3.98 3.05 -18.85
N VAL A 58 4.55 2.18 -18.11
CA VAL A 58 3.89 1.38 -17.14
C VAL A 58 4.26 1.82 -15.77
N TRP A 59 3.32 2.06 -14.89
CA TRP A 59 3.55 2.35 -13.50
C TRP A 59 3.23 1.17 -12.65
N CYS A 60 4.08 0.83 -11.70
CA CYS A 60 3.87 -0.34 -10.86
C CYS A 60 3.22 0.01 -9.55
N PHE A 61 2.22 -0.77 -9.14
CA PHE A 61 1.44 -0.52 -7.91
C PHE A 61 1.45 -1.78 -7.12
N SER A 62 1.54 -1.65 -5.77
CA SER A 62 1.38 -2.78 -4.87
C SER A 62 0.03 -3.35 -4.75
N LEU A 63 -0.96 -2.50 -4.94
CA LEU A 63 -2.37 -2.87 -4.77
C LEU A 63 -3.12 -2.08 -5.80
N ALA A 64 -4.28 -2.62 -6.15
CA ALA A 64 -5.26 -1.95 -7.06
C ALA A 64 -6.57 -2.55 -6.83
N GLN A 65 -7.64 -1.82 -7.13
CA GLN A 65 -8.95 -2.38 -7.02
C GLN A 65 -9.73 -2.05 -8.33
N GLY A 66 -10.85 -2.77 -8.42
CA GLY A 66 -11.70 -2.53 -9.55
C GLY A 66 -11.34 -3.18 -10.88
N LEU A 67 -10.43 -4.12 -10.82
CA LEU A 67 -9.91 -4.79 -12.05
C LEU A 67 -10.40 -6.20 -12.15
N ASN A 68 -10.59 -6.66 -13.39
CA ASN A 68 -10.85 -8.05 -13.67
C ASN A 68 -9.69 -8.66 -14.41
N LEU A 69 -9.27 -9.87 -14.07
CA LEU A 69 -8.17 -10.56 -14.74
C LEU A 69 -8.69 -11.43 -15.85
N ILE A 70 -8.09 -11.37 -17.04
CA ILE A 70 -8.59 -12.04 -18.23
C ILE A 70 -7.62 -13.13 -18.66
N GLY A 71 -8.03 -14.39 -18.68
CA GLY A 71 -7.14 -15.43 -19.07
C GLY A 71 -6.29 -15.99 -17.95
N ARG A 72 -5.34 -16.80 -18.35
CA ARG A 72 -4.41 -17.47 -17.44
C ARG A 72 -3.10 -16.75 -17.46
N PRO A 73 -2.31 -16.91 -16.40
CA PRO A 73 -1.03 -16.26 -16.39
C PRO A 73 -0.06 -16.82 -17.41
N SER A 74 0.82 -15.97 -17.86
CA SER A 74 1.89 -16.34 -18.77
C SER A 74 3.22 -15.86 -18.24
N GLY A 75 4.17 -16.71 -18.49
CA GLY A 75 5.49 -16.45 -18.27
C GLY A 75 6.24 -15.86 -19.48
N GLU A 76 5.66 -15.85 -20.59
CA GLU A 76 6.37 -15.45 -21.81
C GLU A 76 6.42 -13.92 -21.86
N PHE A 77 7.58 -13.37 -22.19
CA PHE A 77 7.77 -11.94 -22.41
C PHE A 77 7.57 -11.04 -21.22
N SER A 78 7.63 -11.55 -20.00
CA SER A 78 7.43 -10.69 -18.92
C SER A 78 8.49 -9.67 -18.81
N TRP A 79 8.10 -8.41 -18.58
CA TRP A 79 8.95 -7.33 -18.33
C TRP A 79 9.70 -7.39 -17.01
N PHE A 80 9.22 -8.21 -16.09
CA PHE A 80 9.66 -8.29 -14.71
C PHE A 80 10.03 -9.66 -14.41
N LYS A 81 11.32 -9.83 -14.16
CA LYS A 81 11.91 -11.16 -13.85
C LYS A 81 11.33 -11.83 -12.76
N GLY A 82 10.94 -13.06 -13.03
CA GLY A 82 10.40 -13.86 -11.99
C GLY A 82 8.90 -13.89 -11.84
N TYR A 83 8.21 -13.07 -12.63
CA TYR A 83 6.81 -12.94 -12.51
C TYR A 83 6.09 -13.39 -13.81
N ASP A 84 4.91 -13.99 -13.62
CA ASP A 84 4.00 -14.36 -14.66
C ASP A 84 2.87 -13.33 -14.68
N TRP A 85 2.27 -13.06 -15.78
CA TRP A 85 1.31 -11.97 -15.89
C TRP A 85 0.02 -12.37 -16.54
N THR A 86 -1.02 -11.58 -16.21
CA THR A 86 -2.37 -11.67 -16.70
C THR A 86 -2.91 -10.35 -17.04
N VAL A 87 -3.55 -10.25 -18.20
CA VAL A 87 -4.29 -9.05 -18.56
C VAL A 87 -5.27 -8.59 -17.50
N ALA A 88 -5.23 -7.31 -17.17
CA ALA A 88 -6.13 -6.65 -16.23
C ALA A 88 -7.00 -5.64 -16.93
N GLN A 89 -8.32 -5.84 -16.89
CA GLN A 89 -9.20 -4.82 -17.43
C GLN A 89 -9.92 -4.11 -16.35
N CYS A 90 -10.38 -2.87 -16.61
CA CYS A 90 -11.27 -2.15 -15.71
C CYS A 90 -12.56 -3.02 -15.58
N GLY A 91 -12.92 -3.23 -14.32
CA GLY A 91 -14.10 -4.03 -14.01
C GLY A 91 -15.38 -3.26 -14.25
N GLN A 92 -15.35 -2.02 -14.56
CA GLN A 92 -16.56 -1.25 -14.84
C GLN A 92 -16.76 -1.13 -16.32
N CYS A 93 -15.74 -0.83 -17.11
CA CYS A 93 -15.89 -0.50 -18.54
C CYS A 93 -15.13 -1.37 -19.47
N GLY A 94 -14.28 -2.25 -18.91
CA GLY A 94 -13.49 -3.15 -19.74
C GLY A 94 -12.24 -2.60 -20.40
N SER A 95 -11.89 -1.37 -20.18
CA SER A 95 -10.65 -0.83 -20.68
C SER A 95 -9.47 -1.65 -20.24
N HIS A 96 -8.54 -1.90 -21.17
CA HIS A 96 -7.31 -2.64 -20.79
C HIS A 96 -6.33 -1.77 -20.06
N LEU A 97 -6.30 -1.83 -18.76
CA LEU A 97 -5.54 -0.92 -17.96
C LEU A 97 -4.12 -1.43 -17.73
N GLY A 98 -3.85 -2.68 -17.83
CA GLY A 98 -2.47 -3.17 -17.68
C GLY A 98 -2.53 -4.67 -17.40
N TRP A 99 -1.73 -5.11 -16.43
CA TRP A 99 -1.47 -6.49 -16.14
C TRP A 99 -1.23 -6.70 -14.61
N HIS A 100 -1.59 -7.86 -14.13
CA HIS A 100 -1.28 -8.34 -12.82
C HIS A 100 -0.13 -9.33 -12.94
N TYR A 101 0.82 -9.21 -12.01
CA TYR A 101 1.96 -10.04 -11.95
C TYR A 101 1.92 -10.87 -10.69
N GLU A 102 2.39 -12.10 -10.81
CA GLU A 102 2.42 -13.04 -9.67
C GLU A 102 3.58 -13.94 -9.78
N GLY A 103 3.77 -14.65 -8.66
CA GLY A 103 4.86 -15.66 -8.68
C GLY A 103 6.19 -15.23 -8.32
N GLY A 104 6.41 -14.03 -7.95
CA GLY A 104 7.73 -13.59 -7.65
C GLY A 104 7.97 -13.58 -6.12
N SER A 105 8.97 -12.82 -5.74
CA SER A 105 9.25 -12.57 -4.23
C SER A 105 9.57 -11.10 -4.14
N GLN A 106 9.11 -10.52 -3.07
CA GLN A 106 9.48 -9.14 -2.77
C GLN A 106 9.15 -8.14 -3.86
N PRO A 107 7.88 -7.98 -4.21
CA PRO A 107 6.79 -8.65 -3.70
C PRO A 107 6.32 -9.87 -4.41
N GLN A 108 5.38 -10.57 -3.91
CA GLN A 108 4.95 -11.82 -4.52
C GLN A 108 4.08 -11.43 -5.80
N THR A 109 3.28 -10.33 -5.59
CA THR A 109 2.32 -9.90 -6.65
C THR A 109 2.36 -8.43 -6.73
N PHE A 110 2.03 -7.83 -7.92
CA PHE A 110 1.88 -6.41 -8.07
C PHE A 110 1.15 -6.13 -9.40
N PHE A 111 0.78 -4.90 -9.64
CA PHE A 111 0.21 -4.49 -10.87
C PHE A 111 1.08 -3.62 -11.67
N GLY A 112 1.15 -3.85 -12.99
CA GLY A 112 1.72 -2.90 -13.88
C GLY A 112 0.63 -2.26 -14.73
N LEU A 113 0.41 -0.98 -14.51
CA LEU A 113 -0.70 -0.33 -15.16
C LEU A 113 -0.24 0.70 -16.13
N ILE A 114 -0.93 0.83 -17.25
CA ILE A 114 -0.53 1.70 -18.31
C ILE A 114 -0.91 3.14 -17.98
N LYS A 115 0.11 3.99 -17.76
CA LYS A 115 -0.17 5.35 -17.20
C LYS A 115 -1.13 6.11 -18.04
N ASP A 116 -0.97 6.08 -19.38
CA ASP A 116 -1.85 6.83 -20.24
C ASP A 116 -3.30 6.37 -20.30
N ARG A 117 -3.61 5.25 -19.71
CA ARG A 117 -4.94 4.75 -19.62
C ARG A 117 -5.57 5.02 -18.22
N LEU A 118 -4.81 5.67 -17.34
CA LEU A 118 -5.24 6.13 -16.04
C LEU A 118 -5.31 7.66 -16.03
N ALA A 119 -6.15 8.20 -15.18
CA ALA A 119 -6.23 9.64 -14.99
C ALA A 119 -5.99 9.87 -13.47
N GLU A 120 -4.93 10.64 -13.11
CA GLU A 120 -4.58 10.88 -11.79
C GLU A 120 -5.33 12.18 -11.34
N GLY A 121 -5.81 12.18 -10.13
CA GLY A 121 -6.60 13.31 -9.61
C GLY A 121 -6.79 13.25 -8.13
N PRO A 122 -7.58 14.24 -7.60
CA PRO A 122 -7.86 14.25 -6.20
C PRO A 122 -8.79 13.16 -5.72
N ALA A 123 -8.68 12.84 -4.44
CA ALA A 123 -9.76 11.99 -3.81
C ALA A 123 -11.13 12.58 -3.80
N ASP A 124 -12.11 11.67 -3.80
CA ASP A 124 -13.53 11.93 -4.16
C ASP A 124 -14.14 13.24 -3.61
N SER B 20 -14.14 2.20 -46.85
CA SER B 20 -14.08 2.88 -45.52
C SER B 20 -13.59 1.82 -44.46
N ILE B 21 -12.51 2.19 -43.88
CA ILE B 21 -11.71 1.24 -43.02
C ILE B 21 -11.92 1.68 -41.60
N PHE B 22 -11.98 0.74 -40.67
CA PHE B 22 -12.10 0.97 -39.26
C PHE B 22 -10.76 0.51 -38.61
N ARG B 23 -10.09 1.47 -37.97
CA ARG B 23 -8.82 1.25 -37.33
CA ARG B 23 -8.82 1.24 -37.33
C ARG B 23 -8.95 1.35 -35.85
N CYS B 24 -7.99 0.77 -35.16
CA CYS B 24 -7.89 1.03 -33.69
C CYS B 24 -7.73 2.47 -33.38
N ARG B 25 -8.53 3.07 -32.53
CA ARG B 25 -8.44 4.47 -32.26
C ARG B 25 -7.18 4.78 -31.57
N GLN B 26 -6.63 3.92 -30.78
CA GLN B 26 -5.39 4.19 -30.01
C GLN B 26 -4.17 4.15 -30.93
N CYS B 27 -3.99 3.15 -31.78
CA CYS B 27 -2.77 2.98 -32.56
C CYS B 27 -2.84 3.08 -34.05
N GLY B 28 -4.00 3.02 -34.59
CA GLY B 28 -4.19 3.10 -36.00
C GLY B 28 -4.10 1.83 -36.77
N GLN B 29 -3.95 0.70 -36.08
CA GLN B 29 -3.97 -0.62 -36.74
CA GLN B 29 -3.98 -0.63 -36.73
C GLN B 29 -5.31 -0.86 -37.49
N THR B 30 -5.25 -1.27 -38.75
CA THR B 30 -6.50 -1.62 -39.48
C THR B 30 -7.11 -2.88 -38.82
N ILE B 31 -8.41 -2.74 -38.51
CA ILE B 31 -9.21 -3.79 -37.89
C ILE B 31 -10.29 -4.38 -38.71
N SER B 32 -11.11 -3.54 -39.30
CA SER B 32 -12.21 -4.06 -40.14
C SER B 32 -12.58 -3.00 -41.18
N ARG B 33 -13.68 -3.27 -41.89
CA ARG B 33 -14.09 -2.41 -43.01
C ARG B 33 -15.59 -2.35 -43.07
N ARG B 34 -16.07 -1.26 -43.57
CA ARG B 34 -17.53 -1.07 -43.72
C ARG B 34 -18.11 -2.15 -44.47
N ASP B 35 -17.48 -2.73 -45.44
CA ASP B 35 -18.06 -3.77 -46.19
C ASP B 35 -18.07 -5.06 -45.51
N TRP B 36 -17.59 -5.14 -44.20
CA TRP B 36 -17.70 -6.38 -43.46
C TRP B 36 -18.74 -6.23 -42.34
N LEU B 37 -19.50 -5.17 -42.32
CA LEU B 37 -20.62 -5.05 -41.29
C LEU B 37 -21.64 -6.12 -41.51
N LEU B 38 -22.21 -6.63 -40.45
CA LEU B 38 -23.15 -7.77 -40.40
C LEU B 38 -24.28 -7.37 -39.46
N PRO B 39 -25.53 -7.50 -39.87
CA PRO B 39 -26.58 -7.29 -38.91
C PRO B 39 -26.69 -8.65 -38.09
N MET B 40 -26.84 -8.53 -36.80
CA MET B 40 -27.21 -9.60 -35.89
C MET B 40 -28.37 -9.11 -35.11
N GLY B 41 -29.38 -9.98 -34.97
CA GLY B 41 -30.61 -9.47 -34.34
C GLY B 41 -31.33 -8.39 -35.13
N GLY B 42 -31.20 -8.25 -36.38
CA GLY B 42 -31.90 -7.19 -37.06
C GLY B 42 -31.08 -5.90 -37.25
N ASP B 43 -29.85 -5.82 -36.67
CA ASP B 43 -29.18 -4.60 -36.73
C ASP B 43 -27.66 -4.81 -36.62
N HIS B 44 -26.87 -4.00 -37.34
CA HIS B 44 -25.44 -4.10 -37.20
C HIS B 44 -24.98 -3.30 -36.07
N GLU B 45 -25.74 -2.41 -35.41
CA GLU B 45 -25.41 -1.62 -34.30
C GLU B 45 -26.28 -1.94 -33.15
N HIS B 46 -25.64 -2.07 -31.94
CA HIS B 46 -26.36 -2.47 -30.74
C HIS B 46 -25.96 -1.57 -29.61
N VAL B 47 -26.89 -1.01 -28.86
CA VAL B 47 -26.63 -0.24 -27.68
C VAL B 47 -27.00 -1.17 -26.53
N VAL B 48 -25.97 -1.66 -25.89
CA VAL B 48 -26.04 -2.73 -24.90
C VAL B 48 -25.41 -2.22 -23.58
N PHE B 49 -25.42 -2.99 -22.58
CA PHE B 49 -24.67 -2.70 -21.37
C PHE B 49 -24.09 -3.97 -20.76
N ASN B 50 -23.01 -3.79 -20.01
CA ASN B 50 -22.42 -4.90 -19.34
C ASN B 50 -23.09 -5.22 -18.06
N PRO B 51 -22.69 -6.22 -17.32
CA PRO B 51 -23.42 -6.58 -16.12
C PRO B 51 -23.30 -5.64 -14.94
N HIS B 52 -22.47 -4.56 -15.12
CA HIS B 52 -22.37 -3.51 -14.13
C HIS B 52 -23.08 -2.29 -14.60
N GLY B 53 -23.88 -2.37 -15.66
CA GLY B 53 -24.58 -1.22 -16.13
C GLY B 53 -23.91 -0.18 -16.92
N TYR B 54 -22.73 -0.50 -17.48
CA TYR B 54 -22.03 0.44 -18.32
C TYR B 54 -22.41 0.18 -19.77
N ILE B 55 -22.81 1.27 -20.47
CA ILE B 55 -23.25 1.15 -21.84
C ILE B 55 -22.09 1.04 -22.79
N HIS B 56 -22.19 0.12 -23.77
CA HIS B 56 -21.31 0.07 -24.93
C HIS B 56 -22.18 0.13 -26.17
N ARG B 57 -21.72 0.87 -27.18
CA ARG B 57 -22.29 0.87 -28.48
C ARG B 57 -21.43 0.03 -29.40
N VAL B 58 -22.00 -1.02 -29.92
CA VAL B 58 -21.24 -2.15 -30.51
C VAL B 58 -21.58 -2.18 -31.98
N TRP B 59 -20.68 -2.37 -32.87
CA TRP B 59 -20.92 -2.78 -34.25
C TRP B 59 -20.56 -4.22 -34.44
N CYS B 60 -21.38 -4.94 -35.21
CA CYS B 60 -21.09 -6.30 -35.57
C CYS B 60 -20.45 -6.44 -36.95
N PHE B 61 -19.39 -7.23 -37.02
CA PHE B 61 -18.59 -7.46 -38.23
C PHE B 61 -18.50 -8.92 -38.48
N SER B 62 -18.63 -9.36 -39.77
CA SER B 62 -18.36 -10.72 -40.11
C SER B 62 -16.92 -11.10 -40.09
N LEU B 63 -16.03 -10.12 -40.29
CA LEU B 63 -14.61 -10.41 -40.33
C LEU B 63 -13.91 -9.25 -39.67
N ALA B 64 -12.69 -9.54 -39.17
CA ALA B 64 -11.78 -8.51 -38.61
C ALA B 64 -10.41 -9.05 -38.64
N GLN B 65 -9.44 -8.18 -38.58
CA GLN B 65 -8.06 -8.61 -38.55
C GLN B 65 -7.35 -7.76 -37.51
N GLY B 66 -6.12 -8.21 -37.20
CA GLY B 66 -5.32 -7.42 -36.29
C GLY B 66 -5.65 -7.54 -34.84
N LEU B 67 -6.34 -8.59 -34.47
CA LEU B 67 -6.82 -8.78 -33.07
C LEU B 67 -6.19 -9.93 -32.42
N ASN B 68 -6.08 -9.92 -31.08
CA ASN B 68 -5.64 -11.06 -30.28
C ASN B 68 -6.76 -11.41 -29.37
N LEU B 69 -7.11 -12.69 -29.25
CA LEU B 69 -8.17 -13.13 -28.37
C LEU B 69 -7.60 -13.48 -27.02
N ILE B 70 -8.14 -13.09 -25.94
CA ILE B 70 -7.58 -13.20 -24.64
C ILE B 70 -8.56 -14.17 -23.87
N GLY B 71 -8.02 -15.23 -23.28
CA GLY B 71 -8.92 -16.05 -22.46
C GLY B 71 -9.72 -17.09 -23.30
N ARG B 72 -10.64 -17.62 -22.50
CA ARG B 72 -11.53 -18.67 -22.99
C ARG B 72 -12.84 -18.17 -23.30
N PRO B 73 -13.60 -18.84 -24.14
CA PRO B 73 -14.95 -18.35 -24.47
C PRO B 73 -15.93 -18.47 -23.31
N SER B 74 -16.84 -17.52 -23.20
CA SER B 74 -17.86 -17.59 -22.19
C SER B 74 -19.23 -17.41 -22.75
N GLY B 75 -20.14 -18.21 -22.25
CA GLY B 75 -21.52 -18.15 -22.62
C GLY B 75 -22.29 -17.14 -21.79
N GLU B 76 -21.88 -16.92 -20.57
CA GLU B 76 -22.60 -16.02 -19.70
C GLU B 76 -22.60 -14.56 -20.14
N PHE B 77 -23.75 -13.94 -20.02
CA PHE B 77 -23.97 -12.53 -20.39
C PHE B 77 -23.84 -12.15 -21.85
N SER B 78 -23.90 -13.12 -22.74
CA SER B 78 -23.77 -12.82 -24.10
C SER B 78 -24.95 -12.00 -24.57
N TRP B 79 -24.66 -10.95 -25.28
CA TRP B 79 -25.65 -10.11 -25.92
C TRP B 79 -26.32 -10.79 -27.10
N PHE B 80 -25.71 -11.86 -27.62
CA PHE B 80 -26.17 -12.54 -28.87
C PHE B 80 -26.44 -13.96 -28.57
N LYS B 81 -27.75 -14.32 -28.64
CA LYS B 81 -28.14 -15.64 -28.11
C LYS B 81 -27.53 -16.75 -28.89
N GLY B 82 -26.97 -17.68 -28.03
CA GLY B 82 -26.38 -18.82 -28.81
C GLY B 82 -24.89 -18.71 -29.16
N TYR B 83 -24.32 -17.57 -28.81
CA TYR B 83 -22.93 -17.33 -29.05
C TYR B 83 -22.19 -17.17 -27.75
N ASP B 84 -20.96 -17.66 -27.77
CA ASP B 84 -20.01 -17.51 -26.68
C ASP B 84 -19.00 -16.43 -27.11
N TRP B 85 -18.54 -15.66 -26.16
CA TRP B 85 -17.63 -14.56 -26.45
C TRP B 85 -16.27 -14.68 -25.78
N THR B 86 -15.31 -14.09 -26.44
CA THR B 86 -13.92 -13.92 -26.00
C THR B 86 -13.43 -12.55 -26.17
N VAL B 87 -12.83 -11.99 -25.10
CA VAL B 87 -12.14 -10.66 -25.27
C VAL B 87 -11.29 -10.55 -26.48
N ALA B 88 -11.40 -9.49 -27.22
CA ALA B 88 -10.58 -9.22 -28.42
C ALA B 88 -9.78 -7.95 -28.13
N GLN B 89 -8.47 -8.01 -28.15
CA GLN B 89 -7.67 -6.77 -28.03
C GLN B 89 -6.99 -6.49 -29.33
N CYS B 90 -6.63 -5.24 -29.56
CA CYS B 90 -5.79 -4.87 -30.68
C CYS B 90 -4.46 -5.59 -30.52
N GLY B 91 -4.06 -6.24 -31.66
CA GLY B 91 -2.81 -6.99 -31.60
C GLY B 91 -1.60 -6.16 -31.67
N GLN B 92 -1.71 -4.89 -31.89
CA GLN B 92 -0.57 -3.99 -31.95
C GLN B 92 -0.38 -3.29 -30.60
N CYS B 93 -1.42 -2.76 -29.97
CA CYS B 93 -1.30 -1.90 -28.79
C CYS B 93 -2.07 -2.36 -27.59
N GLY B 94 -2.79 -3.50 -27.76
CA GLY B 94 -3.52 -4.13 -26.69
C GLY B 94 -4.85 -3.44 -26.19
N SER B 95 -5.27 -2.40 -26.86
CA SER B 95 -6.56 -1.75 -26.54
C SER B 95 -7.64 -2.84 -26.65
N HIS B 96 -8.56 -2.81 -25.66
CA HIS B 96 -9.70 -3.72 -25.69
C HIS B 96 -10.76 -3.20 -26.67
N LEU B 97 -10.81 -3.76 -27.85
CA LEU B 97 -11.65 -3.30 -28.93
C LEU B 97 -13.01 -3.91 -28.92
N GLY B 98 -13.18 -5.06 -28.37
CA GLY B 98 -14.51 -5.69 -28.22
C GLY B 98 -14.33 -7.16 -27.98
N TRP B 99 -15.15 -7.95 -28.67
CA TRP B 99 -15.21 -9.38 -28.47
C TRP B 99 -15.42 -10.18 -29.75
N HIS B 100 -14.96 -11.42 -29.71
CA HIS B 100 -15.15 -12.37 -30.78
C HIS B 100 -16.23 -13.33 -30.30
N TYR B 101 -17.18 -13.65 -31.17
CA TYR B 101 -18.27 -14.52 -30.85
C TYR B 101 -18.23 -15.78 -31.71
N GLU B 102 -18.57 -16.93 -31.12
CA GLU B 102 -18.58 -18.20 -31.86
C GLU B 102 -19.78 -18.99 -31.44
N GLY B 103 -20.33 -19.68 -32.40
CA GLY B 103 -21.43 -20.56 -32.13
C GLY B 103 -21.75 -21.46 -33.30
N GLY B 104 -22.88 -22.19 -33.16
CA GLY B 104 -23.15 -23.14 -34.21
C GLY B 104 -24.08 -22.61 -35.31
N SER B 105 -24.81 -21.57 -35.03
CA SER B 105 -25.63 -20.96 -36.16
C SER B 105 -24.76 -20.12 -37.06
N GLN B 106 -25.14 -19.89 -38.32
CA GLN B 106 -24.48 -19.06 -39.18
C GLN B 106 -24.87 -17.61 -38.80
N PRO B 107 -23.96 -16.72 -38.81
CA PRO B 107 -22.58 -16.92 -39.07
C PRO B 107 -21.91 -17.51 -37.81
N GLN B 108 -21.03 -18.52 -38.00
CA GLN B 108 -20.57 -19.24 -36.83
C GLN B 108 -19.55 -18.42 -36.09
N THR B 109 -18.95 -17.40 -36.72
CA THR B 109 -18.08 -16.47 -35.90
C THR B 109 -18.43 -15.09 -36.39
N PHE B 110 -18.29 -14.13 -35.50
CA PHE B 110 -18.41 -12.72 -35.84
C PHE B 110 -17.74 -11.94 -34.71
N PHE B 111 -17.60 -10.65 -34.96
CA PHE B 111 -17.01 -9.77 -33.95
C PHE B 111 -17.97 -8.69 -33.59
N GLY B 112 -18.02 -8.37 -32.24
CA GLY B 112 -18.65 -7.16 -31.80
C GLY B 112 -17.68 -6.22 -31.31
N LEU B 113 -17.52 -5.08 -32.02
CA LEU B 113 -16.48 -4.13 -31.67
C LEU B 113 -17.06 -2.84 -31.17
N ILE B 114 -16.41 -2.22 -30.21
CA ILE B 114 -16.96 -1.06 -29.52
C ILE B 114 -16.64 0.20 -30.41
N LYS B 115 -17.67 0.82 -30.89
CA LYS B 115 -17.53 1.94 -31.85
C LYS B 115 -16.55 3.00 -31.46
N ASP B 116 -16.65 3.42 -30.21
CA ASP B 116 -15.74 4.48 -29.78
C ASP B 116 -14.37 4.18 -29.49
N ARG B 117 -14.01 2.91 -29.69
CA ARG B 117 -12.62 2.48 -29.57
C ARG B 117 -12.04 2.24 -30.93
N LEU B 118 -12.78 2.58 -32.01
CA LEU B 118 -12.37 2.53 -33.41
C LEU B 118 -12.41 3.92 -33.99
N ALA B 119 -11.76 4.03 -35.13
CA ALA B 119 -11.70 5.35 -35.89
C ALA B 119 -11.86 4.98 -37.31
N GLU B 120 -12.75 5.68 -38.03
CA GLU B 120 -13.08 5.36 -39.41
C GLU B 120 -12.29 6.27 -40.29
N GLY B 121 -11.74 5.74 -41.34
CA GLY B 121 -11.14 6.58 -42.38
C GLY B 121 -11.17 5.97 -43.77
N PRO B 122 -10.50 6.67 -44.70
CA PRO B 122 -10.31 6.13 -46.03
C PRO B 122 -9.30 4.95 -46.12
N ALA B 123 -9.36 4.25 -47.26
CA ALA B 123 -8.30 3.30 -47.76
C ALA B 123 -7.03 3.16 -46.88
N GLY C 18 -3.98 -13.32 1.66
CA GLY C 18 -3.11 -13.58 2.88
C GLY C 18 -1.69 -13.00 2.89
N ALA C 19 -1.49 -11.80 2.32
CA ALA C 19 -0.38 -11.05 2.79
C ALA C 19 -0.46 -11.32 4.36
N SER C 20 0.72 -11.44 4.85
CA SER C 20 0.80 -11.44 6.27
C SER C 20 0.59 -10.00 6.89
N ILE C 21 0.23 -9.98 8.18
CA ILE C 21 -0.10 -8.75 8.89
C ILE C 21 1.11 -8.57 9.87
N PHE C 22 1.52 -7.33 10.12
CA PHE C 22 2.44 -6.97 11.09
C PHE C 22 1.76 -6.34 12.28
N ARG C 23 1.84 -6.94 13.43
CA ARG C 23 1.23 -6.40 14.65
C ARG C 23 2.29 -5.89 15.56
N CYS C 24 1.87 -5.04 16.46
CA CYS C 24 2.78 -4.68 17.56
C CYS C 24 3.15 -5.86 18.43
N ARG C 25 4.41 -6.16 18.67
CA ARG C 25 4.81 -7.34 19.39
C ARG C 25 4.34 -7.25 20.81
N GLN C 26 4.34 -6.03 21.40
CA GLN C 26 3.92 -5.86 22.82
C GLN C 26 2.44 -6.04 22.99
N CYS C 27 1.55 -5.60 22.11
CA CYS C 27 0.13 -5.74 22.43
C CYS C 27 -0.72 -6.34 21.45
N GLY C 28 -0.24 -6.57 20.26
CA GLY C 28 -1.00 -7.16 19.21
C GLY C 28 -1.83 -6.31 18.34
N GLN C 29 -1.70 -5.03 18.48
CA GLN C 29 -2.42 -4.06 17.60
CA GLN C 29 -2.47 -4.16 17.55
C GLN C 29 -1.94 -4.26 16.09
N THR C 30 -2.83 -4.32 15.17
CA THR C 30 -2.48 -4.38 13.76
C THR C 30 -1.85 -3.05 13.34
N ILE C 31 -0.65 -3.14 12.69
CA ILE C 31 0.11 -2.00 12.25
C ILE C 31 0.23 -1.88 10.77
N SER C 32 0.65 -2.95 10.14
CA SER C 32 0.86 -2.86 8.64
C SER C 32 0.73 -4.27 8.07
N ARG C 33 1.08 -4.42 6.78
CA ARG C 33 0.82 -5.63 6.05
C ARG C 33 1.96 -5.78 5.04
N ARG C 34 2.20 -7.05 4.75
CA ARG C 34 3.32 -7.38 3.83
C ARG C 34 3.18 -6.73 2.54
N ASP C 35 1.96 -6.59 2.06
CA ASP C 35 1.82 -5.96 0.78
C ASP C 35 2.03 -4.48 0.77
N TRP C 36 2.33 -3.85 1.96
CA TRP C 36 2.64 -2.50 2.03
C TRP C 36 4.12 -2.30 2.27
N LEU C 37 4.99 -3.31 2.15
CA LEU C 37 6.43 -3.17 2.20
C LEU C 37 6.88 -2.32 1.02
N LEU C 38 7.82 -1.47 1.24
CA LEU C 38 8.33 -0.47 0.30
C LEU C 38 9.80 -0.54 0.18
N PRO C 39 10.33 -0.89 -0.97
CA PRO C 39 11.81 -0.84 -1.14
C PRO C 39 12.24 0.63 -1.19
N MET C 40 13.13 1.01 -0.33
CA MET C 40 13.85 2.30 -0.36
C MET C 40 15.25 1.97 -0.64
N GLY C 41 15.77 2.54 -1.70
CA GLY C 41 17.17 2.16 -2.04
C GLY C 41 17.37 0.80 -2.51
N GLY C 42 16.32 0.17 -3.11
CA GLY C 42 16.41 -1.18 -3.57
C GLY C 42 16.10 -2.25 -2.58
N ASP C 43 15.76 -1.89 -1.34
CA ASP C 43 15.44 -2.94 -0.40
C ASP C 43 14.47 -2.41 0.64
N HIS C 44 13.50 -3.26 1.06
CA HIS C 44 12.62 -2.79 2.10
C HIS C 44 13.28 -2.95 3.47
N GLU C 45 14.33 -3.70 3.62
CA GLU C 45 15.06 -3.93 4.89
C GLU C 45 16.31 -3.19 4.90
N HIS C 46 16.55 -2.46 5.98
CA HIS C 46 17.75 -1.62 6.16
C HIS C 46 18.31 -1.96 7.52
N VAL C 47 19.59 -2.31 7.63
CA VAL C 47 20.17 -2.52 8.88
C VAL C 47 20.96 -1.29 9.19
N VAL C 48 20.51 -0.53 10.15
CA VAL C 48 20.99 0.80 10.42
C VAL C 48 21.40 0.91 11.86
N PHE C 49 21.88 2.01 12.33
CA PHE C 49 22.18 2.27 13.71
C PHE C 49 21.97 3.67 14.08
N ASN C 50 21.62 3.94 15.35
CA ASN C 50 21.42 5.27 15.77
C ASN C 50 22.74 5.92 16.08
N PRO C 51 22.72 7.15 16.44
CA PRO C 51 24.02 7.90 16.66
C PRO C 51 24.75 7.51 17.89
N HIS C 52 24.24 6.54 18.66
CA HIS C 52 24.96 5.95 19.79
C HIS C 52 25.47 4.59 19.46
N GLY C 53 25.35 4.14 18.21
CA GLY C 53 25.80 2.85 17.84
C GLY C 53 24.98 1.67 18.15
N TYR C 54 23.69 1.86 18.42
CA TYR C 54 22.76 0.78 18.60
C TYR C 54 22.13 0.36 17.24
N ILE C 55 22.23 -0.90 16.87
CA ILE C 55 21.71 -1.40 15.62
CA ILE C 55 21.73 -1.36 15.59
C ILE C 55 20.21 -1.60 15.68
N HIS C 56 19.48 -1.18 14.64
CA HIS C 56 18.15 -1.50 14.42
C HIS C 56 17.97 -2.09 13.01
N ARG C 57 17.22 -3.15 12.90
CA ARG C 57 16.80 -3.69 11.60
C ARG C 57 15.41 -3.12 11.23
N VAL C 58 15.38 -2.25 10.27
CA VAL C 58 14.23 -1.42 10.00
C VAL C 58 13.56 -1.89 8.74
N TRP C 59 12.27 -2.11 8.70
CA TRP C 59 11.55 -2.42 7.49
C TRP C 59 10.71 -1.24 7.07
N CYS C 60 10.76 -0.92 5.80
CA CYS C 60 10.03 0.23 5.28
C CYS C 60 8.66 -0.11 4.75
N PHE C 61 7.64 0.69 5.10
CA PHE C 61 6.26 0.47 4.71
C PHE C 61 5.72 1.69 4.13
N SER C 62 4.92 1.57 3.05
CA SER C 62 4.20 2.70 2.46
CA SER C 62 4.19 2.69 2.47
C SER C 62 3.11 3.25 3.32
N LEU C 63 2.47 2.39 4.12
CA LEU C 63 1.32 2.74 4.88
C LEU C 63 1.40 1.97 6.18
N ALA C 64 0.78 2.52 7.20
CA ALA C 64 0.65 1.84 8.53
C ALA C 64 -0.47 2.44 9.23
N GLN C 65 -1.08 1.71 10.14
CA GLN C 65 -2.13 2.22 10.97
C GLN C 65 -1.88 1.99 12.44
N GLY C 66 -2.62 2.69 13.25
CA GLY C 66 -2.53 2.45 14.69
C GLY C 66 -1.37 3.09 15.42
N LEU C 67 -0.70 4.04 14.80
CA LEU C 67 0.48 4.68 15.35
C LEU C 67 0.16 6.12 15.75
N ASN C 68 0.88 6.59 16.76
CA ASN C 68 0.86 7.97 17.18
C ASN C 68 2.24 8.56 16.93
N LEU C 69 2.31 9.75 16.40
CA LEU C 69 3.59 10.49 16.16
C LEU C 69 3.92 11.35 17.39
N ILE C 70 5.17 11.28 17.85
CA ILE C 70 5.56 11.95 19.06
C ILE C 70 6.57 13.05 18.73
N GLY C 71 6.27 14.34 19.02
CA GLY C 71 7.24 15.34 18.70
C GLY C 71 7.12 15.87 17.27
N ARG C 72 8.06 16.72 17.03
CA ARG C 72 8.12 17.42 15.70
C ARG C 72 9.15 16.68 14.88
N PRO C 73 9.03 16.80 13.56
CA PRO C 73 10.00 16.24 12.64
C PRO C 73 11.36 16.74 12.80
N SER C 74 12.36 15.92 12.57
CA SER C 74 13.78 16.33 12.53
C SER C 74 14.41 15.82 11.25
N GLY C 75 15.29 16.66 10.80
CA GLY C 75 16.12 16.30 9.74
C GLY C 75 17.49 15.78 10.16
N GLU C 76 17.80 15.78 11.41
CA GLU C 76 19.14 15.40 11.83
C GLU C 76 19.19 13.83 11.79
N PHE C 77 20.31 13.32 11.33
CA PHE C 77 20.60 11.86 11.33
C PHE C 77 19.64 10.96 10.59
N SER C 78 18.88 11.48 9.64
CA SER C 78 18.00 10.65 8.93
C SER C 78 18.73 9.63 8.15
N TRP C 79 18.29 8.36 8.25
CA TRP C 79 18.78 7.27 7.52
C TRP C 79 18.48 7.32 6.02
N PHE C 80 17.47 8.12 5.67
CA PHE C 80 16.88 8.20 4.32
C PHE C 80 16.94 9.57 3.84
N LYS C 81 17.74 9.72 2.79
CA LYS C 81 17.99 11.07 2.19
C LYS C 81 16.83 11.75 1.78
N GLY C 82 16.73 12.98 2.25
CA GLY C 82 15.61 13.81 1.82
C GLY C 82 14.40 13.82 2.66
N TYR C 83 14.42 13.03 3.73
CA TYR C 83 13.27 12.86 4.57
C TYR C 83 13.61 13.34 6.02
N ASP C 84 12.61 13.90 6.67
CA ASP C 84 12.59 14.28 8.04
C ASP C 84 11.79 13.25 8.83
N TRP C 85 12.06 13.01 10.03
CA TRP C 85 11.44 11.89 10.74
C TRP C 85 10.89 12.30 12.10
N THR C 86 9.90 11.50 12.53
CA THR C 86 9.23 11.60 13.78
C THR C 86 9.02 10.27 14.39
N VAL C 87 9.35 10.17 15.73
CA VAL C 87 9.04 8.96 16.46
C VAL C 87 7.61 8.49 16.33
N ALA C 88 7.43 7.21 16.08
CA ALA C 88 6.12 6.58 15.93
C ALA C 88 5.92 5.57 17.04
N GLN C 89 4.89 5.75 17.89
CA GLN C 89 4.59 4.73 18.88
C GLN C 89 3.36 4.03 18.58
N CYS C 90 3.22 2.78 19.07
CA CYS C 90 1.94 2.03 19.00
C CYS C 90 0.88 2.93 19.73
N GLY C 91 -0.23 3.13 19.00
CA GLY C 91 -1.29 3.94 19.60
C GLY C 91 -2.10 3.19 20.67
N GLN C 92 -1.89 1.92 20.81
CA GLN C 92 -2.59 1.16 21.85
C GLN C 92 -1.79 1.03 23.08
N CYS C 93 -0.52 0.72 22.99
CA CYS C 93 0.34 0.44 24.18
C CYS C 93 1.54 1.29 24.33
N GLY C 94 1.78 2.15 23.40
CA GLY C 94 2.92 3.08 23.42
C GLY C 94 4.30 2.53 23.10
N SER C 95 4.44 1.26 22.72
CA SER C 95 5.72 0.70 22.28
C SER C 95 6.31 1.55 21.18
N HIS C 96 7.58 1.80 21.22
CA HIS C 96 8.25 2.54 20.12
C HIS C 96 8.50 1.70 18.95
N LEU C 97 7.67 1.74 17.95
CA LEU C 97 7.70 0.83 16.81
C LEU C 97 8.61 1.33 15.70
N GLY C 98 8.88 2.59 15.62
CA GLY C 98 9.78 3.11 14.59
C GLY C 98 9.60 4.59 14.42
N TRP C 99 9.54 5.02 13.15
CA TRP C 99 9.53 6.42 12.78
C TRP C 99 8.70 6.62 11.47
N HIS C 100 8.10 7.77 11.37
CA HIS C 100 7.48 8.27 10.18
C HIS C 100 8.38 9.23 9.49
N TYR C 101 8.48 9.12 8.18
CA TYR C 101 9.29 9.95 7.37
C TYR C 101 8.44 10.78 6.44
N GLU C 102 8.86 12.02 6.24
CA GLU C 102 8.11 12.95 5.37
C GLU C 102 9.03 13.87 4.71
N GLY C 103 8.40 14.59 3.74
CA GLY C 103 9.19 15.56 3.00
C GLY C 103 10.01 15.13 1.87
N GLY C 104 9.93 13.92 1.42
CA GLY C 104 10.71 13.52 0.33
C GLY C 104 9.85 13.53 -0.97
N SER C 105 10.34 12.77 -1.94
CA SER C 105 9.57 12.52 -3.22
CA SER C 105 9.64 12.52 -3.24
C SER C 105 9.75 11.04 -3.49
N GLN C 106 8.71 10.46 -4.00
CA GLN C 106 8.80 9.07 -4.47
C GLN C 106 9.29 8.08 -3.45
N PRO C 107 8.56 7.91 -2.33
CA PRO C 107 7.45 8.58 -1.98
C PRO C 107 7.55 9.79 -1.14
N GLN C 108 6.51 10.51 -0.91
CA GLN C 108 6.57 11.73 -0.17
C GLN C 108 6.76 11.34 1.37
N THR C 109 6.06 10.28 1.76
CA THR C 109 6.00 9.83 3.16
C THR C 109 6.13 8.34 3.17
N PHE C 110 6.66 7.77 4.30
CA PHE C 110 6.64 6.33 4.52
C PHE C 110 6.98 6.05 6.01
N PHE C 111 6.89 4.82 6.42
CA PHE C 111 7.28 4.42 7.73
C PHE C 111 8.43 3.52 7.76
N GLY C 112 9.38 3.78 8.69
CA GLY C 112 10.42 2.80 8.95
C GLY C 112 10.18 2.17 10.34
N LEU C 113 9.85 0.90 10.33
CA LEU C 113 9.42 0.25 11.55
C LEU C 113 10.46 -0.78 12.00
N ILE C 114 10.70 -0.91 13.27
CA ILE C 114 11.71 -1.78 13.77
C ILE C 114 11.18 -3.22 13.79
N LYS C 115 11.78 -4.09 12.95
CA LYS C 115 11.22 -5.43 12.68
C LYS C 115 11.08 -6.17 13.97
N ASP C 116 12.09 -6.16 14.84
CA ASP C 116 11.96 -6.90 16.08
C ASP C 116 10.94 -6.47 17.08
N ARG C 117 10.29 -5.33 16.86
CA ARG C 117 9.28 -4.82 17.67
C ARG C 117 7.87 -5.12 17.09
N LEU C 118 7.82 -5.78 15.93
CA LEU C 118 6.63 -6.19 15.24
C LEU C 118 6.58 -7.73 15.27
N ALA C 119 5.39 -8.26 15.20
CA ALA C 119 5.20 -9.73 15.07
C ALA C 119 4.38 -9.95 13.79
N GLU C 120 4.94 -10.75 12.88
CA GLU C 120 4.31 -10.96 11.59
C GLU C 120 3.47 -12.26 11.78
N GLY C 121 2.33 -12.26 11.18
CA GLY C 121 1.37 -13.40 11.33
C GLY C 121 0.29 -13.35 10.31
N PRO C 122 -0.70 -14.28 10.47
CA PRO C 122 -1.81 -14.32 9.56
C PRO C 122 -2.82 -13.23 9.81
N ALA C 123 -3.62 -12.95 8.80
CA ALA C 123 -4.87 -12.16 9.06
C ALA C 123 -5.84 -12.74 10.02
N ASP C 124 -6.58 -11.84 10.70
CA ASP C 124 -7.40 -12.16 11.92
C ASP C 124 -8.36 -13.32 11.65
N SER D 20 20.59 -2.14 44.14
CA SER D 20 19.76 -2.89 43.14
C SER D 20 19.32 -1.90 42.00
N ILE D 21 19.73 -2.27 40.84
CA ILE D 21 19.80 -1.32 39.67
C ILE D 21 18.67 -1.76 38.74
N PHE D 22 18.02 -0.81 38.10
CA PHE D 22 16.99 -1.05 37.13
C PHE D 22 17.53 -0.58 35.74
N ARG D 23 17.61 -1.56 34.83
CA ARG D 23 18.13 -1.34 33.51
CA ARG D 23 18.15 -1.28 33.50
C ARG D 23 17.05 -1.42 32.48
N CYS D 24 17.32 -0.86 31.33
CA CYS D 24 16.39 -1.11 30.19
C CYS D 24 16.32 -2.55 29.83
N ARG D 25 15.14 -3.12 29.71
CA ARG D 25 15.03 -4.53 29.44
C ARG D 25 15.55 -4.87 28.10
N GLN D 26 15.40 -3.97 27.15
CA GLN D 26 15.84 -4.25 25.75
C GLN D 26 17.36 -4.24 25.62
N CYS D 27 18.05 -3.25 26.14
CA CYS D 27 19.49 -3.09 25.92
C CYS D 27 20.43 -3.17 27.06
N GLY D 28 19.91 -3.08 28.25
CA GLY D 28 20.68 -3.14 29.43
C GLY D 28 21.26 -1.88 29.94
N GLN D 29 20.93 -0.75 29.33
CA GLN D 29 21.32 0.57 29.83
C GLN D 29 20.84 0.80 31.31
N THR D 30 21.74 1.24 32.19
CA THR D 30 21.29 1.58 33.58
C THR D 30 20.37 2.82 33.48
N ILE D 31 19.20 2.71 34.12
CA ILE D 31 18.17 3.72 34.14
C ILE D 31 17.92 4.29 35.52
N SER D 32 17.68 3.46 36.48
CA SER D 32 17.43 4.01 37.86
C SER D 32 17.85 2.91 38.89
N ARG D 33 17.50 3.17 40.14
CA ARG D 33 17.95 2.30 41.24
C ARG D 33 16.87 2.26 42.29
N ARG D 34 16.84 1.16 42.99
CA ARG D 34 15.84 0.98 44.06
C ARG D 34 15.87 2.08 45.02
N ASP D 35 17.01 2.67 45.34
CA ASP D 35 17.07 3.69 46.25
C ASP D 35 16.63 4.99 45.75
N TRP D 36 16.11 5.08 44.47
CA TRP D 36 15.52 6.31 44.00
C TRP D 36 14.00 6.13 43.82
N LEU D 37 13.42 5.10 44.35
CA LEU D 37 11.89 4.95 44.29
C LEU D 37 11.29 6.03 45.13
N LEU D 38 10.16 6.54 44.73
CA LEU D 38 9.45 7.68 45.33
C LEU D 38 7.96 7.27 45.40
N PRO D 39 7.29 7.41 46.51
CA PRO D 39 5.87 7.19 46.48
C PRO D 39 5.26 8.55 45.93
N MET D 40 4.26 8.43 45.06
CA MET D 40 3.43 9.50 44.64
C MET D 40 2.03 9.05 44.86
N GLY D 41 1.24 9.94 45.51
CA GLY D 41 -0.11 9.47 45.86
C GLY D 41 -0.18 8.35 46.82
N GLY D 42 0.72 8.14 47.68
CA GLY D 42 0.58 7.04 48.61
C GLY D 42 1.38 5.81 48.21
N ASP D 43 1.89 5.72 46.93
CA ASP D 43 2.47 4.51 46.57
C ASP D 43 3.55 4.70 45.49
N HIS D 44 4.62 3.91 45.49
CA HIS D 44 5.57 4.02 44.45
C HIS D 44 5.14 3.21 43.27
N GLU D 45 4.18 2.28 43.34
CA GLU D 45 3.71 1.52 42.26
C GLU D 45 2.29 1.82 41.96
N HIS D 46 1.98 1.98 40.64
CA HIS D 46 0.63 2.38 40.21
C HIS D 46 0.18 1.44 39.09
N VAL D 47 -1.01 0.91 39.18
CA VAL D 47 -1.58 0.14 38.10
C VAL D 47 -2.61 1.06 37.50
N VAL D 48 -2.29 1.51 36.30
CA VAL D 48 -3.03 2.64 35.65
C VAL D 48 -3.39 2.12 34.25
N PHE D 49 -4.05 2.91 33.47
CA PHE D 49 -4.32 2.58 32.09
C PHE D 49 -4.28 3.85 31.26
N ASN D 50 -3.97 3.68 29.97
CA ASN D 50 -3.99 4.80 29.07
C ASN D 50 -5.35 5.10 28.58
N PRO D 51 -5.57 6.12 27.81
CA PRO D 51 -6.91 6.47 27.37
C PRO D 51 -7.56 5.54 26.38
N HIS D 52 -6.83 4.47 25.97
CA HIS D 52 -7.43 3.39 25.17
C HIS D 52 -7.67 2.20 25.99
N GLY D 53 -7.52 2.26 27.30
CA GLY D 53 -7.79 1.14 28.14
C GLY D 53 -6.72 0.09 28.25
N TYR D 54 -5.49 0.40 27.90
CA TYR D 54 -4.40 -0.51 28.06
C TYR D 54 -3.73 -0.29 29.41
N ILE D 55 -3.56 -1.36 30.19
CA ILE D 55 -2.93 -1.25 31.49
C ILE D 55 -1.46 -1.16 31.44
N HIS D 56 -0.88 -0.21 32.22
CA HIS D 56 0.53 -0.16 32.53
C HIS D 56 0.70 -0.25 34.03
N ARG D 57 1.75 -0.99 34.45
CA ARG D 57 2.18 -1.02 35.82
CA ARG D 57 2.16 -0.96 35.82
C ARG D 57 3.43 -0.16 35.96
N VAL D 58 3.33 0.90 36.70
CA VAL D 58 4.30 2.01 36.65
C VAL D 58 5.02 2.05 37.97
N TRP D 59 6.28 2.28 38.03
CA TRP D 59 7.02 2.68 39.21
C TRP D 59 7.43 4.12 39.13
N CYS D 60 7.35 4.83 40.29
CA CYS D 60 7.79 6.19 40.33
C CYS D 60 9.16 6.35 40.93
N PHE D 61 9.98 7.15 40.29
CA PHE D 61 11.40 7.38 40.68
C PHE D 61 11.62 8.84 40.78
N SER D 62 12.40 9.27 41.81
CA SER D 62 12.82 10.64 41.93
C SER D 62 13.88 11.03 40.94
N LEU D 63 14.71 10.06 40.49
CA LEU D 63 15.80 10.37 39.59
C LEU D 63 15.87 9.20 38.63
N ALA D 64 16.42 9.47 37.44
CA ALA D 64 16.73 8.44 36.42
C ALA D 64 17.82 9.00 35.55
N GLN D 65 18.49 8.12 34.85
CA GLN D 65 19.49 8.51 33.91
C GLN D 65 19.36 7.69 32.65
N GLY D 66 20.07 8.10 31.61
CA GLY D 66 20.02 7.26 30.42
C GLY D 66 18.82 7.43 29.55
N LEU D 67 18.07 8.53 29.72
CA LEU D 67 16.81 8.71 29.00
C LEU D 67 16.82 9.86 28.09
N ASN D 68 16.00 9.86 27.06
CA ASN D 68 15.79 11.01 26.17
C ASN D 68 14.36 11.34 26.20
N LEU D 69 14.02 12.63 26.34
CA LEU D 69 12.65 13.05 26.40
C LEU D 69 12.18 13.42 25.03
N ILE D 70 11.07 12.99 24.59
CA ILE D 70 10.60 13.12 23.22
C ILE D 70 9.33 14.05 23.28
N GLY D 71 9.34 15.12 22.52
CA GLY D 71 8.20 15.94 22.45
C GLY D 71 8.12 16.99 23.64
N ARG D 72 6.95 17.57 23.68
CA ARG D 72 6.63 18.60 24.61
C ARG D 72 5.74 18.06 25.69
N PRO D 73 5.75 18.74 26.82
CA PRO D 73 4.96 18.30 27.95
C PRO D 73 3.49 18.46 27.73
N SER D 74 2.78 17.47 28.18
CA SER D 74 1.32 17.47 28.14
CA SER D 74 1.31 17.44 28.12
C SER D 74 0.56 17.22 29.54
N GLY D 75 -0.36 18.13 29.77
CA GLY D 75 -1.22 18.12 30.91
C GLY D 75 -2.32 17.06 30.86
N GLU D 76 -2.84 16.84 29.68
CA GLU D 76 -3.97 15.94 29.54
C GLU D 76 -3.64 14.50 29.83
N PHE D 77 -4.58 13.87 30.50
CA PHE D 77 -4.46 12.42 30.89
C PHE D 77 -3.40 12.07 31.86
N SER D 78 -2.82 13.06 32.61
CA SER D 78 -1.86 12.75 33.55
C SER D 78 -2.40 11.86 34.63
N TRP D 79 -1.73 10.84 35.04
CA TRP D 79 -2.06 9.99 36.14
C TRP D 79 -1.77 10.69 37.49
N PHE D 80 -0.97 11.78 37.48
CA PHE D 80 -0.47 12.42 38.69
C PHE D 80 -0.89 13.84 38.67
N LYS D 81 -1.81 14.19 39.61
CA LYS D 81 -2.48 15.50 39.42
C LYS D 81 -1.49 16.64 39.62
N GLY D 82 -1.62 17.56 38.66
CA GLY D 82 -0.73 18.71 38.80
C GLY D 82 0.64 18.60 38.09
N TYR D 83 0.82 17.49 37.39
CA TYR D 83 2.03 17.20 36.67
C TYR D 83 1.78 17.03 35.20
N ASP D 84 2.71 17.57 34.41
CA ASP D 84 2.70 17.42 32.98
C ASP D 84 3.70 16.34 32.62
N TRP D 85 3.40 15.53 31.63
CA TRP D 85 4.27 14.44 31.24
C TRP D 85 4.85 14.57 29.83
N THR D 86 6.00 13.96 29.67
CA THR D 86 6.74 13.84 28.42
C THR D 86 7.22 12.44 28.24
N VAL D 87 7.00 11.90 27.03
CA VAL D 87 7.59 10.53 26.71
C VAL D 87 9.04 10.45 27.04
N ALA D 88 9.44 9.40 27.67
CA ALA D 88 10.85 9.14 27.99
C ALA D 88 11.27 7.87 27.28
N GLN D 89 12.26 7.94 26.40
CA GLN D 89 12.80 6.71 25.79
C GLN D 89 14.15 6.41 26.29
N CYS D 90 14.56 5.16 26.25
CA CYS D 90 15.93 4.83 26.52
C CYS D 90 16.83 5.56 25.53
N GLY D 91 17.87 6.18 26.10
CA GLY D 91 18.78 6.93 25.24
C GLY D 91 19.74 6.10 24.46
N GLN D 92 19.78 4.84 24.71
CA GLN D 92 20.71 3.93 24.02
C GLN D 92 19.95 3.25 22.85
N CYS D 93 18.75 2.69 23.10
CA CYS D 93 18.05 1.87 22.13
C CYS D 93 16.69 2.31 21.73
N GLY D 94 16.25 3.45 22.34
CA GLY D 94 15.00 4.08 21.99
C GLY D 94 13.70 3.37 22.55
N SER D 95 13.82 2.33 23.36
CA SER D 95 12.65 1.68 23.94
C SER D 95 11.91 2.76 24.73
N HIS D 96 10.55 2.71 24.62
CA HIS D 96 9.70 3.62 25.41
C HIS D 96 9.58 3.12 26.82
N LEU D 97 10.31 3.63 27.74
CA LEU D 97 10.37 3.20 29.12
C LEU D 97 9.33 3.80 30.02
N GLY D 98 8.87 4.97 29.70
CA GLY D 98 7.81 5.64 30.47
C GLY D 98 7.77 7.07 30.18
N TRP D 99 7.71 7.90 31.25
CA TRP D 99 7.41 9.31 31.13
C TRP D 99 8.17 10.08 32.24
N HIS D 100 8.51 11.31 31.90
CA HIS D 100 9.00 12.29 32.83
C HIS D 100 7.88 13.21 33.18
N TYR D 101 7.79 13.55 34.47
CA TYR D 101 6.76 14.40 34.96
C TYR D 101 7.37 15.69 35.57
N GLU D 102 6.68 16.81 35.36
CA GLU D 102 7.16 18.06 35.93
C GLU D 102 6.00 18.88 36.38
N GLY D 103 6.22 19.58 37.42
CA GLY D 103 5.20 20.46 38.00
C GLY D 103 5.72 21.34 39.11
N GLY D 104 4.81 22.11 39.72
CA GLY D 104 5.31 23.07 40.68
C GLY D 104 5.36 22.52 42.12
N SER D 105 4.62 21.50 42.43
CA SER D 105 4.77 20.84 43.79
C SER D 105 6.01 20.00 43.89
N GLN D 106 6.55 19.76 45.09
CA GLN D 106 7.64 18.95 45.28
C GLN D 106 7.09 17.48 45.27
N PRO D 107 7.78 16.62 44.64
CA PRO D 107 9.01 16.80 43.97
C PRO D 107 8.65 17.44 42.58
N GLN D 108 9.44 18.44 42.14
CA GLN D 108 9.00 19.14 40.96
C GLN D 108 9.24 18.32 39.69
N THR D 109 10.12 17.33 39.78
CA THR D 109 10.24 16.37 38.60
C THR D 109 10.30 14.99 39.19
N PHE D 110 9.81 14.04 38.45
CA PHE D 110 9.98 12.62 38.80
C PHE D 110 9.69 11.83 37.48
N PHE D 111 9.98 10.56 37.55
CA PHE D 111 9.76 9.64 36.44
C PHE D 111 8.82 8.57 36.78
N GLY D 112 7.87 8.23 35.85
CA GLY D 112 7.05 7.05 35.93
C GLY D 112 7.47 6.12 34.91
N LEU D 113 8.07 4.98 35.30
CA LEU D 113 8.59 4.06 34.36
C LEU D 113 7.87 2.73 34.38
N ILE D 114 7.72 2.11 33.20
CA ILE D 114 6.85 0.94 33.06
C ILE D 114 7.69 -0.30 33.51
N LYS D 115 7.20 -0.94 34.55
CA LYS D 115 7.95 -2.07 35.16
C LYS D 115 8.45 -3.10 34.25
N ASP D 116 7.58 -3.52 33.36
CA ASP D 116 7.98 -4.61 32.50
C ASP D 116 8.79 -4.28 31.35
N ARG D 117 9.15 -2.97 31.24
CA ARG D 117 10.13 -2.58 30.22
C ARG D 117 11.46 -2.33 30.85
N LEU D 118 11.65 -2.66 32.15
CA LEU D 118 12.87 -2.59 32.93
C LEU D 118 13.24 -3.96 33.39
N ALA D 119 14.47 -4.12 33.78
CA ALA D 119 15.05 -5.40 34.30
C ALA D 119 15.83 -5.05 35.51
N GLU D 120 15.65 -5.80 36.61
CA GLU D 120 16.30 -5.45 37.89
C GLU D 120 17.51 -6.35 38.01
N GLY D 121 18.64 -5.82 38.40
CA GLY D 121 19.79 -6.64 38.73
C GLY D 121 20.73 -6.00 39.77
N PRO D 122 21.90 -6.63 39.89
CA PRO D 122 22.81 -6.25 40.91
C PRO D 122 23.60 -4.96 40.71
N ALA D 123 24.38 -4.72 39.63
CA ALA D 123 25.52 -3.70 39.67
C ALA D 123 26.20 -3.45 38.30
N UNK E 1 -12.25 -13.77 -12.66
CA UNK E 1 -12.79 -12.42 -13.00
C UNK E 1 -12.22 -11.45 -11.93
N UNK E 2 -13.05 -10.99 -10.97
CA UNK E 2 -12.72 -9.82 -10.10
C UNK E 2 -11.51 -10.09 -9.20
N UNK E 3 -10.62 -9.08 -9.05
CA UNK E 3 -9.52 -9.08 -8.03
C UNK E 3 -8.36 -8.26 -8.54
N UNK F 1 -2.19 8.72 11.42
CA UNK F 1 -1.32 8.86 12.64
C UNK F 1 -1.98 9.92 13.56
N UNK F 2 -2.30 9.52 14.80
CA UNK F 2 -2.73 10.46 15.87
C UNK F 2 -1.49 11.22 16.48
N UNK F 3 -1.65 12.13 17.43
CA UNK F 3 -0.48 12.95 17.87
C UNK F 3 -0.62 13.38 19.31
N UNK G 1 -6.24 13.41 13.03
CA UNK G 1 -4.95 12.91 12.46
C UNK G 1 -3.94 14.06 12.15
N UNK G 2 -2.67 13.64 12.01
CA UNK G 2 -1.53 14.43 11.44
C UNK G 2 -1.90 14.92 10.05
N UNK G 3 -1.66 16.22 9.74
CA UNK G 3 -1.79 16.73 8.32
C UNK G 3 -1.00 15.91 7.31
N UNK H 1 -13.52 -13.65 -5.82
CA UNK H 1 -12.27 -13.10 -6.43
C UNK H 1 -11.15 -14.14 -6.69
N UNK H 2 -10.13 -13.74 -7.48
CA UNK H 2 -8.90 -14.50 -7.81
C UNK H 2 -8.18 -14.98 -6.55
N UNK H 3 -7.67 -16.23 -6.54
CA UNK H 3 -6.75 -16.74 -5.47
C UNK H 3 -5.57 -15.79 -5.16
N UNK H 4 -5.75 -14.91 -4.17
CA UNK H 4 -4.72 -13.92 -3.73
C UNK H 4 -3.88 -14.54 -2.64
ZN ZN I . -13.14 1.92 -16.79
OAS JNW J . 0.13 -4.07 -25.87
CAR JNW J . -0.15 -5.18 -25.53
OAT JNW J . -0.90 -5.16 -24.51
CAQ JNW J . 0.23 -6.33 -26.17
CAP JNW J . -0.11 -6.64 -27.41
CAO JNW J . 0.12 -7.80 -28.01
CAN JNW J . 0.85 -8.69 -27.49
CAM JNW J . 1.37 -8.47 -26.32
CAK JNW J . 1.03 -7.35 -25.60
CAJ JNW J . 1.70 -6.95 -24.45
OAL JNW J . 1.93 -5.80 -24.01
N JNW J . 2.22 -7.82 -23.63
CA JNW J . 2.90 -7.64 -22.35
CB JNW J . 2.32 -8.22 -21.11
CG JNW J . 2.90 -7.92 -19.92
CD JNW J . 4.42 -8.15 -19.92
OE1 JNW J . 5.13 -8.13 -18.99
NE2 JNW J . 5.03 -8.15 -21.16
C JNW J . 4.36 -7.98 -22.41
O JNW J . 5.00 -7.93 -23.48
ZN ZN K . -4.26 -0.56 -31.33
OAS JNW L . -16.02 -5.00 -21.19
CAR JNW L . -16.84 -4.66 -20.23
OAT JNW L . -17.19 -3.48 -20.22
CAQ JNW L . -17.15 -5.59 -19.15
CAP JNW L . -16.81 -5.38 -17.97
CAO JNW L . -16.92 -6.22 -16.81
CAN JNW L . -17.61 -7.28 -17.12
CAM JNW L . -18.00 -7.60 -18.33
CAK JNW L . -17.75 -6.80 -19.36
CAJ JNW L . -18.52 -6.87 -20.55
OAL JNW L . -18.83 -5.92 -21.33
N JNW L . -18.83 -8.05 -20.98
CA JNW L . -19.53 -8.40 -22.24
CB JNW L . -18.93 -9.38 -23.14
CG JNW L . -19.55 -9.60 -24.40
CD JNW L . -21.03 -9.84 -24.23
OE1 JNW L . -21.71 -10.29 -25.12
NE2 JNW L . -21.63 -9.43 -23.11
C JNW L . -20.95 -8.76 -22.07
O JNW L . -21.61 -8.37 -21.07
ZN ZN M . 1.22 -2.01 21.02
OAS JNW N . 17.23 4.01 18.99
CAR JNW N . 16.75 5.13 18.89
OAT JNW N . 15.51 5.07 18.67
CAQ JNW N . 17.46 6.27 19.16
CAP JNW N . 18.02 6.59 20.35
CAO JNW N . 18.59 7.77 20.65
CAN JNW N . 18.83 8.59 19.76
CAM JNW N . 18.43 8.40 18.50
CAK JNW N . 17.65 7.32 18.20
CAJ JNW N . 17.40 6.94 16.87
OAL JNW N . 17.30 5.79 16.42
N JNW N . 17.28 7.82 15.90
CA JNW N . 16.92 7.61 14.53
CB JNW N . 15.65 8.18 14.00
CG JNW N . 15.31 7.89 12.72
CD JNW N . 16.42 8.08 11.70
OE1 JNW N . 16.35 8.06 10.52
NE2 JNW N . 17.68 8.08 12.23
C JNW N . 18.02 7.89 13.58
O JNW N . 19.18 7.92 13.95
ZN ZN O . 17.55 0.50 25.98
OAS JNW P . 1.99 4.93 26.26
CAR JNW P . 0.77 4.61 26.07
OAT JNW P . 0.46 3.43 26.24
CAQ JNW P . -0.20 5.51 25.49
CAP JNW P . -0.69 5.24 24.34
CAO JNW P . -1.53 6.07 23.53
CAN JNW P . -1.95 7.13 24.18
CAM JNW P . -1.44 7.55 25.40
CAK JNW P . -0.57 6.71 26.02
CAJ JNW P . -0.28 6.83 27.42
OAL JNW P . -0.01 5.84 28.19
N JNW P . -0.25 8.00 27.93
CA JNW P . 0.07 8.29 29.27
CB JNW P . 1.17 9.24 29.63
CG JNW P . 1.50 9.46 31.03
CD JNW P . 0.27 9.73 31.87
OE1 JNW P . 0.37 10.16 32.96
NE2 JNW P . -0.92 9.29 31.43
C JNW P . -1.05 8.67 30.15
O JNW P . -2.23 8.25 29.83
#